data_5OS9
#
_entry.id   5OS9
#
_cell.length_a   30.758
_cell.length_b   151.179
_cell.length_c   47.513
_cell.angle_alpha   90.00
_cell.angle_beta   90.00
_cell.angle_gamma   90.00
#
_symmetry.space_group_name_H-M   'P 21 21 21'
#
loop_
_entity.id
_entity.type
_entity.pdbx_description
1 polymer 'B3 domain-containing transcription factor NGA1'
2 water water
#
_entity_poly.entity_id   1
_entity_poly.type   'polypeptide(L)'
_entity_poly.pdbx_seq_one_letter_code
;MADREHMFDKVVTPSDVGKLNRLVIPKQHAERFFPLDSSSNEKGLLLNFEDLTGKSWRFRYSYWNSSQSYVMTKGWSRFV
KDKKLDAGDIVSFQR(CME)VGDSGRDSRLFIDWRRRPKVGHHHHHHG
;
_entity_poly.pdbx_strand_id   A,B
#
# COMPACT_ATOMS: atom_id res chain seq x y z
N ALA A 2 -1.24 -20.49 -3.65
CA ALA A 2 -1.03 -20.05 -2.26
C ALA A 2 -1.01 -21.24 -1.34
N ASP A 3 0.02 -21.36 -0.51
CA ASP A 3 0.13 -22.50 0.41
C ASP A 3 0.19 -21.98 1.86
N ARG A 4 -0.84 -21.29 2.29
CA ARG A 4 -0.84 -20.55 3.55
CA ARG A 4 -0.82 -20.57 3.56
C ARG A 4 -2.01 -20.95 4.42
N GLU A 5 -1.75 -21.10 5.70
CA GLU A 5 -2.79 -21.29 6.71
C GLU A 5 -3.18 -19.93 7.28
N HIS A 6 -4.47 -19.61 7.26
CA HIS A 6 -4.98 -18.47 8.01
C HIS A 6 -4.74 -18.60 9.53
N MET A 7 -4.11 -17.59 10.15
CA MET A 7 -3.90 -17.63 11.61
C MET A 7 -5.04 -16.90 12.35
N PHE A 8 -5.15 -15.60 12.14
CA PHE A 8 -6.28 -14.84 12.71
C PHE A 8 -6.46 -13.53 11.95
N ASP A 9 -7.62 -12.93 12.13
CA ASP A 9 -7.89 -11.57 11.60
C ASP A 9 -8.23 -10.71 12.81
N LYS A 10 -8.28 -9.38 12.59
CA LYS A 10 -8.73 -8.47 13.64
C LYS A 10 -9.41 -7.27 12.99
N VAL A 11 -10.51 -6.80 13.57
CA VAL A 11 -11.02 -5.48 13.18
C VAL A 11 -10.13 -4.42 13.81
N VAL A 12 -9.56 -3.54 12.97
CA VAL A 12 -8.63 -2.50 13.46
C VAL A 12 -9.40 -1.50 14.32
N THR A 13 -8.83 -1.14 15.50
CA THR A 13 -9.49 -0.15 16.37
C THR A 13 -8.94 1.24 16.10
N PRO A 14 -9.58 2.29 16.62
CA PRO A 14 -9.02 3.63 16.42
C PRO A 14 -7.63 3.78 17.00
N SER A 15 -7.36 3.18 18.16
CA SER A 15 -6.01 3.34 18.70
C SER A 15 -4.99 2.55 17.91
N ASP A 16 -5.40 1.50 17.18
CA ASP A 16 -4.45 0.78 16.35
C ASP A 16 -3.92 1.61 15.20
N VAL A 17 -4.65 2.64 14.78
CA VAL A 17 -4.19 3.46 13.64
C VAL A 17 -3.73 4.83 14.06
N GLY A 18 -3.83 5.19 15.35
CA GLY A 18 -3.45 6.53 15.81
C GLY A 18 -2.00 6.64 16.24
N LYS A 19 -1.72 7.71 17.03
CA LYS A 19 -0.35 8.11 17.35
C LYS A 19 0.31 7.21 18.38
N LEU A 20 -0.44 6.27 19.02
CA LEU A 20 0.29 5.30 19.83
C LEU A 20 1.16 4.38 18.96
N ASN A 21 0.89 4.34 17.65
CA ASN A 21 1.72 3.65 16.66
C ASN A 21 1.96 2.22 17.09
N ARG A 22 0.89 1.53 17.44
CA ARG A 22 1.00 0.14 17.86
C ARG A 22 -0.31 -0.60 17.54
N LEU A 23 -0.19 -1.90 17.18
CA LEU A 23 -1.34 -2.77 16.95
C LEU A 23 -1.52 -3.70 18.16
N VAL A 24 -2.70 -3.69 18.79
CA VAL A 24 -2.96 -4.67 19.86
C VAL A 24 -3.36 -6.01 19.24
N ILE A 25 -2.73 -7.09 19.69
CA ILE A 25 -3.04 -8.45 19.23
C ILE A 25 -3.98 -9.05 20.25
N PRO A 26 -5.18 -9.44 19.87
CA PRO A 26 -6.12 -10.01 20.84
C PRO A 26 -5.47 -11.17 21.58
N LYS A 27 -5.81 -11.27 22.87
CA LYS A 27 -5.19 -12.24 23.77
C LYS A 27 -5.35 -13.67 23.29
N GLN A 28 -6.52 -14.02 22.74
CA GLN A 28 -6.70 -15.41 22.35
C GLN A 28 -5.79 -15.83 21.21
N HIS A 29 -5.30 -14.87 20.40
CA HIS A 29 -4.34 -15.17 19.34
C HIS A 29 -2.90 -14.97 19.78
N ALA A 30 -2.64 -13.92 20.56
CA ALA A 30 -1.32 -13.74 21.14
C ALA A 30 -0.90 -14.99 21.87
N GLU A 31 -1.82 -15.52 22.66
CA GLU A 31 -1.53 -16.66 23.51
C GLU A 31 -1.83 -17.97 22.81
N ARG A 32 -1.92 -17.96 21.47
CA ARG A 32 -1.87 -19.20 20.67
C ARG A 32 -0.62 -19.26 19.80
N PHE A 33 -0.35 -18.22 19.02
CA PHE A 33 0.66 -18.28 17.98
C PHE A 33 2.06 -17.75 18.38
N PHE A 34 2.19 -17.05 19.49
CA PHE A 34 3.49 -16.45 19.84
C PHE A 34 3.87 -16.89 21.25
N PRO A 35 5.15 -16.76 21.62
CA PRO A 35 5.65 -17.36 22.87
C PRO A 35 5.80 -16.44 24.07
N LEU A 36 5.40 -15.20 23.96
CA LEU A 36 5.67 -14.26 25.06
C LEU A 36 4.55 -14.27 26.09
N ASP A 37 4.92 -13.88 27.32
CA ASP A 37 3.89 -13.53 28.31
C ASP A 37 4.44 -12.40 29.16
N SER A 38 3.78 -12.09 30.28
CA SER A 38 4.19 -10.91 31.05
C SER A 38 5.54 -11.08 31.71
N SER A 39 6.08 -12.30 31.76
CA SER A 39 7.39 -12.55 32.33
C SER A 39 8.52 -12.46 31.31
N SER A 40 8.23 -12.45 30.01
CA SER A 40 9.28 -12.45 29.02
C SER A 40 10.11 -11.15 29.04
N ASN A 41 11.32 -11.25 28.46
CA ASN A 41 12.14 -10.06 28.25
C ASN A 41 11.33 -8.98 27.52
N GLU A 42 11.45 -7.73 27.97
CA GLU A 42 10.54 -6.68 27.50
C GLU A 42 10.82 -6.27 26.07
N LYS A 43 11.98 -6.61 25.57
CA LYS A 43 12.25 -6.31 24.16
C LYS A 43 11.36 -7.08 23.19
N GLY A 44 10.86 -8.23 23.59
CA GLY A 44 10.02 -9.02 22.68
C GLY A 44 10.85 -9.63 21.57
N LEU A 45 10.23 -9.78 20.39
CA LEU A 45 10.79 -10.53 19.28
C LEU A 45 10.65 -9.73 18.01
N LEU A 46 11.61 -9.89 17.12
CA LEU A 46 11.47 -9.31 15.78
C LEU A 46 10.83 -10.34 14.88
N LEU A 47 9.77 -9.93 14.17
CA LEU A 47 9.06 -10.79 13.20
C LEU A 47 9.00 -10.12 11.86
N ASN A 48 9.05 -10.90 10.78
CA ASN A 48 8.90 -10.34 9.42
C ASN A 48 7.59 -10.83 8.84
N PHE A 49 6.83 -9.93 8.22
CA PHE A 49 5.56 -10.28 7.59
C PHE A 49 5.61 -9.91 6.12
N GLU A 50 5.38 -10.88 5.27
CA GLU A 50 5.36 -10.60 3.83
C GLU A 50 3.95 -10.25 3.38
N ASP A 51 3.82 -9.18 2.59
CA ASP A 51 2.49 -8.89 2.05
C ASP A 51 2.31 -9.54 0.66
N LEU A 52 1.17 -9.24 0.03
CA LEU A 52 0.84 -9.89 -1.25
C LEU A 52 1.75 -9.45 -2.39
N THR A 53 2.32 -8.25 -2.32
CA THR A 53 3.23 -7.87 -3.37
C THR A 53 4.61 -8.50 -3.20
N GLY A 54 4.88 -9.16 -2.06
CA GLY A 54 6.19 -9.71 -1.75
C GLY A 54 7.07 -8.83 -0.88
N LYS A 55 6.57 -7.70 -0.41
CA LYS A 55 7.36 -6.83 0.46
C LYS A 55 7.37 -7.38 1.88
N SER A 56 8.52 -7.34 2.54
CA SER A 56 8.65 -7.89 3.89
C SER A 56 8.59 -6.70 4.83
N TRP A 57 7.70 -6.75 5.81
CA TRP A 57 7.54 -5.68 6.79
C TRP A 57 8.17 -6.20 8.08
N ARG A 58 9.05 -5.40 8.72
CA ARG A 58 9.70 -5.87 9.93
C ARG A 58 8.97 -5.29 11.13
N PHE A 59 8.33 -6.15 11.90
CA PHE A 59 7.58 -5.71 13.08
C PHE A 59 8.30 -6.16 14.33
N ARG A 60 8.05 -5.47 15.45
CA ARG A 60 8.46 -5.99 16.76
C ARG A 60 7.19 -6.41 17.46
N TYR A 61 7.22 -7.59 18.08
CA TYR A 61 6.12 -8.10 18.89
C TYR A 61 6.57 -8.16 20.34
N SER A 62 5.79 -7.56 21.26
CA SER A 62 6.20 -7.50 22.66
C SER A 62 4.96 -7.47 23.53
N TYR A 63 5.17 -7.67 24.84
CA TYR A 63 4.10 -7.47 25.81
C TYR A 63 4.38 -6.19 26.57
N TRP A 64 3.41 -5.27 26.56
CA TRP A 64 3.55 -3.99 27.24
C TRP A 64 2.90 -4.17 28.60
N ASN A 65 3.73 -4.29 29.62
CA ASN A 65 3.18 -4.35 30.96
C ASN A 65 2.34 -3.11 31.26
N SER A 66 2.75 -1.96 30.71
CA SER A 66 2.06 -0.68 30.98
C SER A 66 0.59 -0.76 30.62
N SER A 67 0.25 -1.38 29.49
CA SER A 67 -1.15 -1.47 29.11
C SER A 67 -1.69 -2.88 29.14
N GLN A 68 -0.93 -3.83 29.67
CA GLN A 68 -1.34 -5.22 29.78
C GLN A 68 -1.80 -5.77 28.43
N SER A 69 -1.00 -5.50 27.40
CA SER A 69 -1.39 -5.86 26.04
C SER A 69 -0.18 -6.38 25.27
N TYR A 70 -0.46 -7.34 24.39
CA TYR A 70 0.51 -7.79 23.39
C TYR A 70 0.39 -6.92 22.15
N VAL A 71 1.52 -6.46 21.59
CA VAL A 71 1.41 -5.42 20.57
C VAL A 71 2.47 -5.62 19.51
N MET A 72 2.15 -5.14 18.30
CA MET A 72 3.13 -5.01 17.22
C MET A 72 3.51 -3.55 17.03
N THR A 73 4.80 -3.29 16.93
CA THR A 73 5.32 -1.94 16.65
C THR A 73 6.35 -2.07 15.53
N LYS A 74 7.20 -1.03 15.39
CA LYS A 74 8.26 -0.92 14.38
C LYS A 74 7.60 -0.64 13.04
N GLY A 75 7.48 -1.64 12.20
CA GLY A 75 6.92 -1.35 10.89
C GLY A 75 5.43 -1.19 10.86
N TRP A 76 4.73 -1.49 11.96
CA TRP A 76 3.27 -1.37 11.94
C TRP A 76 2.83 0.05 11.53
N SER A 77 3.43 1.09 12.14
CA SER A 77 2.96 2.45 11.81
C SER A 77 3.22 2.79 10.36
N ARG A 78 4.29 2.27 9.78
CA ARG A 78 4.55 2.55 8.38
C ARG A 78 3.56 1.83 7.48
N PHE A 79 3.16 0.63 7.89
CA PHE A 79 2.10 -0.12 7.20
C PHE A 79 0.77 0.59 7.25
N VAL A 80 0.40 1.15 8.42
CA VAL A 80 -0.85 1.94 8.52
C VAL A 80 -0.79 3.11 7.56
N LYS A 81 0.36 3.78 7.49
CA LYS A 81 0.47 5.01 6.71
C LYS A 81 0.46 4.69 5.22
N ASP A 82 1.10 3.58 4.82
CA ASP A 82 1.13 3.24 3.40
C ASP A 82 -0.22 2.74 2.91
N LYS A 83 -0.92 1.95 3.71
CA LYS A 83 -2.19 1.38 3.29
C LYS A 83 -3.38 2.23 3.69
N LYS A 84 -3.13 3.30 4.46
CA LYS A 84 -4.17 4.27 4.87
C LYS A 84 -5.26 3.55 5.65
N LEU A 85 -4.81 2.71 6.58
CA LEU A 85 -5.80 1.99 7.37
C LEU A 85 -6.57 2.92 8.30
N ASP A 86 -7.81 2.52 8.58
CA ASP A 86 -8.74 3.22 9.49
C ASP A 86 -9.48 2.24 10.39
N ALA A 87 -10.03 2.76 11.51
CA ALA A 87 -10.83 1.93 12.39
C ALA A 87 -11.91 1.25 11.55
N GLY A 88 -12.15 -0.02 11.82
CA GLY A 88 -13.13 -0.79 11.06
C GLY A 88 -12.57 -1.62 9.91
N ASP A 89 -11.37 -1.29 9.42
CA ASP A 89 -10.68 -2.14 8.46
C ASP A 89 -10.29 -3.47 9.11
N ILE A 90 -9.86 -4.42 8.29
CA ILE A 90 -9.37 -5.71 8.78
C ILE A 90 -7.89 -5.82 8.54
N VAL A 91 -7.17 -6.41 9.49
CA VAL A 91 -5.82 -6.87 9.26
C VAL A 91 -5.80 -8.37 9.55
N SER A 92 -5.05 -9.11 8.74
CA SER A 92 -5.08 -10.57 8.84
C SER A 92 -3.65 -11.11 8.72
N PHE A 93 -3.43 -12.27 9.30
CA PHE A 93 -2.09 -12.87 9.34
C PHE A 93 -2.19 -14.32 8.94
N GLN A 94 -1.19 -14.79 8.19
CA GLN A 94 -1.17 -16.18 7.74
C GLN A 94 0.24 -16.71 7.90
N ARG A 95 0.42 -18.03 7.74
CA ARG A 95 1.77 -18.59 7.76
C ARG A 95 1.86 -19.71 6.71
N VAL A 97 1.88 -23.24 5.19
CA VAL A 97 1.30 -24.41 5.81
C VAL A 97 2.38 -25.26 6.44
N GLY A 98 2.13 -25.71 7.67
CA GLY A 98 3.08 -26.57 8.35
C GLY A 98 4.16 -25.83 9.14
N ASP A 99 4.25 -24.52 8.98
CA ASP A 99 5.24 -23.74 9.72
C ASP A 99 4.79 -23.56 11.17
N SER A 100 5.80 -23.36 12.04
CA SER A 100 5.53 -23.18 13.45
C SER A 100 6.78 -22.59 14.11
N GLY A 101 6.57 -21.84 15.13
CA GLY A 101 7.72 -21.43 15.91
C GLY A 101 8.41 -20.18 15.38
N ARG A 102 9.65 -19.99 15.87
CA ARG A 102 10.42 -18.76 15.63
C ARG A 102 10.67 -18.51 14.14
N ASP A 103 11.00 -19.56 13.39
CA ASP A 103 11.32 -19.42 12.00
C ASP A 103 10.09 -19.46 11.09
N SER A 104 8.87 -19.41 11.63
CA SER A 104 7.70 -19.47 10.73
C SER A 104 7.83 -18.39 9.66
N ARG A 105 7.38 -18.71 8.45
CA ARG A 105 7.25 -17.74 7.37
C ARG A 105 5.86 -17.14 7.47
N LEU A 106 5.80 -15.85 7.78
CA LEU A 106 4.58 -15.21 8.20
C LEU A 106 4.17 -14.18 7.13
N PHE A 107 2.84 -13.94 7.04
CA PHE A 107 2.31 -13.09 5.99
C PHE A 107 1.31 -12.14 6.62
N ILE A 108 1.16 -10.96 6.02
CA ILE A 108 0.14 -10.01 6.47
C ILE A 108 -0.73 -9.61 5.27
N ASP A 109 -2.02 -9.44 5.53
CA ASP A 109 -2.92 -8.90 4.50
C ASP A 109 -3.91 -8.00 5.20
N TRP A 110 -4.70 -7.28 4.42
CA TRP A 110 -5.62 -6.29 5.02
C TRP A 110 -6.81 -6.09 4.08
N ARG A 111 -7.87 -5.51 4.59
CA ARG A 111 -9.02 -5.13 3.77
CA ARG A 111 -9.01 -5.14 3.77
C ARG A 111 -9.52 -3.78 4.25
N ARG A 112 -9.65 -2.81 3.34
CA ARG A 112 -10.22 -1.51 3.70
C ARG A 112 -11.72 -1.66 3.55
N ARG A 113 -12.48 -1.20 4.51
CA ARG A 113 -13.90 -1.45 4.54
C ARG A 113 -14.67 -0.14 4.74
N PRO A 114 -15.97 -0.11 4.40
CA PRO A 114 -16.74 -1.12 3.68
C PRO A 114 -16.27 -1.37 2.24
N LYS A 115 -16.50 -2.57 1.70
CA LYS A 115 -16.21 -2.86 0.29
C LYS A 115 -16.99 -1.92 -0.62
N VAL A 116 -16.36 -1.52 -1.72
CA VAL A 116 -17.03 -0.64 -2.68
C VAL A 116 -18.06 -1.48 -3.43
N ALA B 2 9.93 18.72 1.99
CA ALA B 2 9.66 18.26 0.60
C ALA B 2 9.73 19.45 -0.35
N ASP B 3 10.35 19.22 -1.52
CA ASP B 3 10.57 20.26 -2.53
C ASP B 3 9.78 19.89 -3.79
N ARG B 4 8.46 19.69 -3.63
CA ARG B 4 7.63 19.11 -4.72
C ARG B 4 6.45 20.03 -5.03
N GLU B 5 6.09 20.05 -6.32
CA GLU B 5 4.94 20.78 -6.84
C GLU B 5 3.80 19.80 -7.21
N HIS B 6 2.61 20.05 -6.67
CA HIS B 6 1.44 19.26 -7.01
C HIS B 6 1.11 19.46 -8.44
N MET B 7 0.88 18.37 -9.19
CA MET B 7 0.54 18.48 -10.60
C MET B 7 -0.98 18.37 -10.82
N PHE B 8 -1.53 17.19 -10.53
CA PHE B 8 -2.99 17.00 -10.61
C PHE B 8 -3.38 15.77 -9.79
N ASP B 9 -4.70 15.69 -9.52
CA ASP B 9 -5.42 14.58 -8.87
C ASP B 9 -6.32 13.88 -9.86
N LYS B 10 -6.61 12.58 -9.65
CA LYS B 10 -7.72 11.96 -10.36
C LYS B 10 -8.50 11.03 -9.44
N VAL B 11 -9.83 11.10 -9.48
CA VAL B 11 -10.64 10.10 -8.81
C VAL B 11 -10.64 8.86 -9.69
N VAL B 12 -10.15 7.73 -9.17
CA VAL B 12 -10.05 6.55 -10.03
C VAL B 12 -11.44 5.95 -10.21
N THR B 13 -11.69 5.50 -11.40
CA THR B 13 -12.92 4.85 -11.82
C THR B 13 -12.83 3.34 -11.66
N PRO B 14 -13.98 2.64 -11.75
CA PRO B 14 -13.93 1.16 -11.72
C PRO B 14 -13.02 0.57 -12.80
N SER B 15 -13.02 1.16 -13.98
CA SER B 15 -12.19 0.57 -15.01
C SER B 15 -10.71 0.85 -14.78
N ASP B 16 -10.36 1.95 -14.08
CA ASP B 16 -8.95 2.17 -13.74
C ASP B 16 -8.41 1.12 -12.77
N VAL B 17 -9.26 0.46 -11.98
CA VAL B 17 -8.76 -0.51 -10.99
C VAL B 17 -9.13 -1.95 -11.32
N GLY B 18 -9.87 -2.21 -12.39
CA GLY B 18 -10.26 -3.57 -12.75
C GLY B 18 -9.27 -4.26 -13.66
N LYS B 19 -9.78 -5.30 -14.35
CA LYS B 19 -8.96 -6.21 -15.10
C LYS B 19 -8.35 -5.59 -16.33
N LEU B 20 -8.81 -4.40 -16.75
CA LEU B 20 -8.15 -3.72 -17.86
C LEU B 20 -6.77 -3.21 -17.48
N ASN B 21 -6.49 -3.11 -16.17
CA ASN B 21 -5.12 -2.86 -15.69
C ASN B 21 -4.52 -1.63 -16.39
N ARG B 22 -5.26 -0.54 -16.38
CA ARG B 22 -4.76 0.69 -16.98
C ARG B 22 -5.50 1.88 -16.40
N LEU B 23 -4.79 2.99 -16.37
CA LEU B 23 -5.26 4.25 -15.79
C LEU B 23 -5.44 5.26 -16.92
N VAL B 24 -6.66 5.76 -17.10
CA VAL B 24 -6.86 6.85 -18.06
C VAL B 24 -6.47 8.17 -17.42
N ILE B 25 -5.63 8.96 -18.10
CA ILE B 25 -5.23 10.28 -17.63
C ILE B 25 -6.09 11.31 -18.35
N PRO B 26 -6.83 12.16 -17.63
CA PRO B 26 -7.65 13.17 -18.31
C PRO B 26 -6.79 13.98 -19.27
N LYS B 27 -7.37 14.27 -20.45
CA LYS B 27 -6.61 14.91 -21.52
C LYS B 27 -6.04 16.23 -21.04
N GLN B 28 -6.84 16.99 -20.32
CA GLN B 28 -6.43 18.27 -19.76
C GLN B 28 -5.04 18.15 -19.15
N HIS B 29 -4.84 17.15 -18.30
CA HIS B 29 -3.59 17.06 -17.57
C HIS B 29 -2.50 16.38 -18.39
N ALA B 30 -2.89 15.35 -19.16
CA ALA B 30 -1.92 14.68 -20.02
C ALA B 30 -1.24 15.68 -20.93
N GLU B 31 -2.02 16.55 -21.56
CA GLU B 31 -1.37 17.46 -22.52
C GLU B 31 -0.63 18.56 -21.82
N ARG B 32 -1.02 18.92 -20.59
CA ARG B 32 -0.28 19.94 -19.87
C ARG B 32 1.06 19.43 -19.36
N PHE B 33 1.07 18.24 -18.75
CA PHE B 33 2.21 17.79 -17.96
C PHE B 33 3.08 16.75 -18.62
N PHE B 34 2.60 16.07 -19.66
CA PHE B 34 3.46 15.03 -20.15
C PHE B 34 3.68 15.22 -21.63
N PRO B 35 4.85 14.89 -22.14
CA PRO B 35 5.26 15.36 -23.48
C PRO B 35 4.90 14.37 -24.60
N LEU B 36 3.60 14.10 -24.76
CA LEU B 36 3.18 13.22 -25.83
C LEU B 36 2.00 13.84 -26.53
N ASP B 37 2.00 13.66 -27.84
CA ASP B 37 0.96 14.12 -28.75
C ASP B 37 0.12 12.93 -29.21
N SER B 38 -0.97 13.25 -29.91
CA SER B 38 -1.78 12.22 -30.55
C SER B 38 -1.06 11.56 -31.71
N SER B 39 0.08 12.11 -32.14
CA SER B 39 0.85 11.58 -33.26
C SER B 39 2.18 10.97 -32.82
N SER B 40 2.37 10.77 -31.51
CA SER B 40 3.61 10.19 -30.99
C SER B 40 3.65 8.67 -31.19
N ASN B 41 4.85 8.12 -30.99
CA ASN B 41 5.07 6.69 -31.04
C ASN B 41 4.08 5.96 -30.13
N GLU B 42 3.49 4.87 -30.64
CA GLU B 42 2.46 4.18 -29.86
C GLU B 42 3.03 3.41 -28.66
N LYS B 43 4.36 3.19 -28.59
CA LYS B 43 4.96 2.66 -27.36
C LYS B 43 5.02 3.69 -26.25
N GLY B 44 4.94 4.96 -26.59
CA GLY B 44 4.97 5.97 -25.56
C GLY B 44 6.33 6.03 -24.87
N LEU B 45 6.32 6.37 -23.58
CA LEU B 45 7.58 6.41 -22.84
C LEU B 45 7.41 5.79 -21.46
N LEU B 46 8.55 5.42 -20.85
CA LEU B 46 8.53 4.90 -19.47
C LEU B 46 8.75 6.04 -18.49
N LEU B 47 7.89 6.14 -17.50
CA LEU B 47 7.99 7.18 -16.49
C LEU B 47 8.16 6.50 -15.15
N ASN B 48 9.01 7.07 -14.32
CA ASN B 48 9.22 6.56 -12.96
C ASN B 48 8.39 7.38 -11.99
N PHE B 49 7.62 6.72 -11.12
CA PHE B 49 6.86 7.41 -10.06
C PHE B 49 7.26 6.87 -8.69
N GLU B 50 7.78 7.76 -7.85
CA GLU B 50 8.22 7.38 -6.49
C GLU B 50 7.08 7.56 -5.48
N ASP B 51 6.77 6.48 -4.72
CA ASP B 51 5.75 6.63 -3.69
C ASP B 51 6.39 6.96 -2.34
N LEU B 52 5.54 7.12 -1.31
CA LEU B 52 6.11 7.73 -0.10
C LEU B 52 6.92 6.74 0.70
N THR B 53 6.92 5.49 0.31
CA THR B 53 7.81 4.58 0.99
C THR B 53 9.20 4.58 0.42
N GLY B 54 9.43 5.23 -0.73
CA GLY B 54 10.72 5.12 -1.34
C GLY B 54 10.76 4.18 -2.54
N LYS B 55 9.69 3.44 -2.78
CA LYS B 55 9.64 2.52 -3.92
C LYS B 55 9.46 3.29 -5.21
N SER B 56 10.15 2.87 -6.25
CA SER B 56 9.95 3.46 -7.59
C SER B 56 9.09 2.54 -8.43
N TRP B 57 7.99 3.09 -8.95
CA TRP B 57 7.05 2.35 -9.80
C TRP B 57 7.36 2.75 -11.22
N ARG B 58 7.30 1.78 -12.13
CA ARG B 58 7.66 2.06 -13.53
C ARG B 58 6.40 1.97 -14.38
N PHE B 59 5.90 3.12 -14.83
CA PHE B 59 4.70 3.18 -15.66
C PHE B 59 5.07 3.38 -17.13
N ARG B 60 4.28 2.78 -18.03
CA ARG B 60 4.37 3.13 -19.46
C ARG B 60 3.24 4.10 -19.76
N TYR B 61 3.56 5.25 -20.32
CA TYR B 61 2.60 6.31 -20.61
C TYR B 61 2.47 6.37 -22.14
N SER B 62 1.27 6.21 -22.67
CA SER B 62 1.11 6.19 -24.11
C SER B 62 -0.25 6.74 -24.48
N TYR B 63 -0.35 7.11 -25.75
CA TYR B 63 -1.62 7.51 -26.35
C TYR B 63 -2.21 6.31 -27.05
N TRP B 64 -3.38 5.93 -26.62
CA TRP B 64 -4.08 4.81 -27.20
C TRP B 64 -4.97 5.39 -28.30
N ASN B 65 -4.62 5.10 -29.55
CA ASN B 65 -5.42 5.60 -30.66
C ASN B 65 -6.85 5.07 -30.55
N SER B 66 -7.03 3.87 -30.02
CA SER B 66 -8.37 3.34 -29.89
C SER B 66 -9.30 4.26 -29.09
N SER B 67 -8.79 5.06 -28.11
CA SER B 67 -9.70 5.90 -27.33
C SER B 67 -9.30 7.37 -27.31
N GLN B 68 -8.43 7.80 -28.21
CA GLN B 68 -7.98 9.20 -28.23
C GLN B 68 -7.63 9.67 -26.81
N SER B 69 -7.03 8.77 -26.04
CA SER B 69 -6.84 8.95 -24.60
C SER B 69 -5.44 8.52 -24.22
N TYR B 70 -4.89 9.24 -23.26
CA TYR B 70 -3.58 8.96 -22.70
C TYR B 70 -3.79 8.02 -21.50
N VAL B 71 -2.94 6.99 -21.42
CA VAL B 71 -3.15 5.88 -20.50
C VAL B 71 -1.81 5.53 -19.84
N MET B 72 -1.84 5.16 -18.54
CA MET B 72 -0.67 4.59 -17.87
C MET B 72 -0.90 3.10 -17.75
N THR B 73 0.12 2.32 -18.11
CA THR B 73 0.09 0.87 -17.92
C THR B 73 1.40 0.47 -17.25
N LYS B 74 1.75 -0.83 -17.36
CA LYS B 74 2.89 -1.50 -16.73
C LYS B 74 2.72 -1.50 -15.23
N GLY B 75 3.45 -0.64 -14.51
CA GLY B 75 3.37 -0.69 -13.03
C GLY B 75 2.07 -0.17 -12.43
N TRP B 76 1.19 0.43 -13.23
CA TRP B 76 -0.03 0.99 -12.67
C TRP B 76 -0.84 -0.10 -11.97
N SER B 77 -1.04 -1.24 -12.64
CA SER B 77 -1.92 -2.25 -11.99
C SER B 77 -1.23 -2.89 -10.77
N ARG B 78 0.10 -2.90 -10.74
CA ARG B 78 0.80 -3.35 -9.53
C ARG B 78 0.64 -2.33 -8.40
N PHE B 79 0.69 -1.05 -8.75
CA PHE B 79 0.45 -0.03 -7.73
C PHE B 79 -0.96 -0.19 -7.18
N VAL B 80 -1.94 -0.38 -8.06
CA VAL B 80 -3.32 -0.61 -7.61
C VAL B 80 -3.37 -1.77 -6.63
N LYS B 81 -2.67 -2.87 -6.95
CA LYS B 81 -2.71 -4.07 -6.10
C LYS B 81 -2.03 -3.77 -4.77
N ASP B 82 -0.93 -3.01 -4.83
CA ASP B 82 -0.16 -2.75 -3.62
C ASP B 82 -0.93 -1.91 -2.64
N LYS B 83 -1.73 -0.96 -3.12
CA LYS B 83 -2.47 -0.10 -2.22
C LYS B 83 -3.92 -0.53 -2.07
N LYS B 84 -4.30 -1.61 -2.76
CA LYS B 84 -5.69 -1.99 -2.94
C LYS B 84 -6.58 -0.80 -3.31
N LEU B 85 -6.14 -0.04 -4.32
CA LEU B 85 -6.98 1.07 -4.77
C LEU B 85 -8.30 0.56 -5.27
N ASP B 86 -9.35 1.33 -4.97
CA ASP B 86 -10.63 0.99 -5.55
C ASP B 86 -11.28 2.26 -6.03
N ALA B 87 -12.41 2.06 -6.69
CA ALA B 87 -13.13 3.18 -7.31
C ALA B 87 -13.49 4.21 -6.25
N GLY B 88 -13.21 5.48 -6.55
CA GLY B 88 -13.49 6.58 -5.67
C GLY B 88 -12.30 7.03 -4.87
N ASP B 89 -11.26 6.19 -4.75
CA ASP B 89 -10.02 6.69 -4.18
C ASP B 89 -9.45 7.76 -5.13
N ILE B 90 -8.48 8.52 -4.64
CA ILE B 90 -7.88 9.62 -5.40
C ILE B 90 -6.40 9.32 -5.59
N VAL B 91 -5.93 9.38 -6.82
CA VAL B 91 -4.47 9.28 -7.03
C VAL B 91 -3.93 10.66 -7.34
N SER B 92 -2.73 11.01 -6.84
CA SER B 92 -2.19 12.35 -7.07
C SER B 92 -0.76 12.26 -7.51
N PHE B 93 -0.33 13.27 -8.28
CA PHE B 93 0.98 13.26 -8.86
C PHE B 93 1.68 14.58 -8.54
N GLN B 94 2.97 14.50 -8.24
CA GLN B 94 3.77 15.67 -7.92
CA GLN B 94 3.79 15.64 -7.89
C GLN B 94 5.11 15.53 -8.64
N ARG B 95 5.84 16.64 -8.75
CA ARG B 95 7.17 16.56 -9.39
C ARG B 95 8.12 17.43 -8.55
N VAL B 97 10.25 20.54 -7.60
CA VAL B 97 10.05 21.92 -8.02
C VAL B 97 11.08 22.30 -9.06
N GLY B 98 10.59 22.95 -10.11
CA GLY B 98 11.46 23.38 -11.20
C GLY B 98 11.62 22.37 -12.32
N ASP B 99 11.11 21.13 -12.15
CA ASP B 99 11.23 20.14 -13.24
C ASP B 99 10.19 20.40 -14.33
N SER B 100 10.52 19.96 -15.55
CA SER B 100 9.54 19.88 -16.62
C SER B 100 10.06 18.96 -17.73
N GLY B 101 9.12 18.31 -18.42
CA GLY B 101 9.53 17.42 -19.50
C GLY B 101 9.75 16.00 -19.03
N ARG B 102 10.24 15.16 -19.95
CA ARG B 102 10.21 13.72 -19.68
C ARG B 102 11.26 13.29 -18.68
N ASP B 103 12.26 14.14 -18.35
CA ASP B 103 13.21 13.73 -17.34
C ASP B 103 12.84 14.27 -15.94
N SER B 104 11.61 14.79 -15.78
CA SER B 104 11.12 15.23 -14.46
C SER B 104 11.21 14.09 -13.46
N ARG B 105 11.48 14.45 -12.17
CA ARG B 105 11.46 13.49 -11.08
C ARG B 105 10.03 13.53 -10.54
N LEU B 106 9.31 12.41 -10.64
CA LEU B 106 7.88 12.37 -10.39
C LEU B 106 7.60 11.53 -9.14
N PHE B 107 6.48 11.87 -8.47
CA PHE B 107 6.02 11.22 -7.24
C PHE B 107 4.56 10.84 -7.38
N ILE B 108 4.18 9.69 -6.79
CA ILE B 108 2.77 9.31 -6.79
C ILE B 108 2.30 9.16 -5.36
N ASP B 109 1.07 9.58 -5.10
CA ASP B 109 0.51 9.33 -3.76
C ASP B 109 -0.99 9.13 -3.95
N TRP B 110 -1.69 8.85 -2.85
CA TRP B 110 -3.11 8.62 -3.02
C TRP B 110 -3.83 9.03 -1.74
N ARG B 111 -5.14 9.16 -1.87
CA ARG B 111 -6.05 9.41 -0.75
C ARG B 111 -7.15 8.39 -0.78
N ARG B 112 -7.51 7.94 0.41
CA ARG B 112 -8.63 7.06 0.56
C ARG B 112 -9.95 7.75 0.23
N ARG B 113 -10.82 7.02 -0.46
CA ARG B 113 -12.15 7.52 -0.83
C ARG B 113 -12.83 8.19 0.37
N PRO B 114 -13.32 9.40 0.22
CA PRO B 114 -14.08 10.06 1.27
C PRO B 114 -15.39 9.30 1.50
#